data_9FEH
#
_entry.id   9FEH
#
_cell.length_a   109.370
_cell.length_b   109.370
_cell.length_c   48.800
_cell.angle_alpha   90.000
_cell.angle_beta   90.000
_cell.angle_gamma   120.000
#
_symmetry.space_group_name_H-M   'P 65'
#
loop_
_entity.id
_entity.type
_entity.pdbx_description
1 polymer 'Transcription factor ETV6,Guanine-N7 methyltransferase nsp14'
2 non-polymer ~{N}-[[(2~{R},3~{S},4~{R},5~{R})-5-[4-azanyl-5-(2-pyridin-3-ylethynyl)pyrrolo[2,3-d]pyrimidin-7-yl]-3,4-bis(oxidanyl)oxolan-2-yl]methyl]-3-cyano-~{N}-ethyl-4-methoxy-benzenesulfonamide
3 non-polymer 'ZINC ION'
4 water water
#
_entity_poly.entity_id   1
_entity_poly.type   'polypeptide(L)'
_entity_poly.pdbx_seq_one_letter_code
;SIRLPAHLRLQPIYWSRDDVAQWLKWAENEFSLRPIDSNTFEMNGKALLLLTKEDFRYRSPHSGDELYELLQHILKQPAA
GDELKINAACRKVQHMVVKAALLADKFPVLHDIGNPKAIKCVPQADVEWKFYDAQPCSDKAYKIEELFYSYATHSDKFTD
GVCLFWNCNVDRYPANSIVCRFDTRVLSNLNLPGCDGGSLYVNKHAFHTPAFDKSAFVNLKQLPFFYYSDSPCESHGKQV
VSDIDYVPLKSATCITRCNLGGAVCRHHANEYRLYLDAYNMMISAGFSLWVYKQFDTYNLWNTFTRLQ
;
_entity_poly.pdbx_strand_id   A
#
# COMPACT_ATOMS: atom_id res chain seq x y z
N ARG A 3 23.66 5.20 1.68
CA ARG A 3 23.29 6.57 1.37
C ARG A 3 22.34 6.61 0.19
N LEU A 4 21.23 7.35 0.32
CA LEU A 4 20.26 7.46 -0.76
C LEU A 4 19.27 8.59 -0.51
N PRO A 5 18.82 9.29 -1.55
CA PRO A 5 17.78 10.31 -1.34
C PRO A 5 16.47 9.68 -0.86
N ALA A 6 15.71 10.45 -0.09
CA ALA A 6 14.42 9.98 0.39
C ALA A 6 13.43 9.74 -0.74
N HIS A 7 13.74 10.18 -1.96
CA HIS A 7 12.92 9.88 -3.12
C HIS A 7 13.43 8.66 -3.89
N LEU A 8 14.25 7.83 -3.25
CA LEU A 8 14.74 6.61 -3.88
C LEU A 8 14.81 5.42 -2.92
N ARG A 9 14.21 5.53 -1.73
CA ARG A 9 14.38 4.50 -0.71
C ARG A 9 13.57 3.25 -0.99
N LEU A 10 12.65 3.28 -1.95
CA LEU A 10 11.90 2.08 -2.31
C LEU A 10 12.77 1.17 -3.18
N GLN A 11 12.39 -0.11 -3.22
CA GLN A 11 13.14 -1.07 -4.02
C GLN A 11 13.08 -0.68 -5.49
N PRO A 12 14.14 -0.98 -6.25
CA PRO A 12 14.17 -0.54 -7.66
C PRO A 12 13.03 -1.10 -8.49
N ILE A 13 12.44 -2.23 -8.08
CA ILE A 13 11.33 -2.79 -8.84
C ILE A 13 10.17 -1.81 -8.94
N TYR A 14 9.97 -0.99 -7.91
CA TYR A 14 8.89 -0.02 -7.90
C TYR A 14 9.27 1.31 -8.55
N TRP A 15 10.51 1.46 -9.01
CA TRP A 15 10.93 2.75 -9.54
C TRP A 15 10.19 3.07 -10.82
N SER A 16 9.88 4.36 -10.99
CA SER A 16 9.31 4.87 -12.22
C SER A 16 10.41 5.23 -13.20
N ARG A 17 10.03 5.65 -14.41
CA ARG A 17 11.01 6.18 -15.35
C ARG A 17 11.63 7.46 -14.80
N ASP A 18 10.84 8.32 -14.16
CA ASP A 18 11.39 9.51 -13.52
C ASP A 18 12.31 9.15 -12.37
N ASP A 19 12.00 8.06 -11.66
CA ASP A 19 12.89 7.61 -10.59
C ASP A 19 14.27 7.27 -11.13
N VAL A 20 14.32 6.58 -12.27
CA VAL A 20 15.61 6.19 -12.85
C VAL A 20 16.44 7.43 -13.19
N ALA A 21 15.80 8.44 -13.76
CA ALA A 21 16.53 9.65 -14.12
C ALA A 21 17.10 10.33 -12.87
N GLN A 22 16.34 10.34 -11.78
CA GLN A 22 16.85 10.88 -10.52
C GLN A 22 17.98 10.01 -9.97
N TRP A 23 17.91 8.69 -10.18
CA TRP A 23 19.00 7.80 -9.78
C TRP A 23 20.28 8.17 -10.52
N LEU A 24 20.18 8.44 -11.82
CA LEU A 24 21.36 8.81 -12.60
C LEU A 24 21.94 10.13 -12.09
N LYS A 25 21.10 11.14 -11.87
CA LYS A 25 21.59 12.43 -11.44
C LYS A 25 22.21 12.35 -10.05
N TRP A 26 21.60 11.57 -9.15
CA TRP A 26 22.17 11.39 -7.83
C TRP A 26 23.53 10.70 -7.91
N ALA A 27 23.64 9.65 -8.74
CA ALA A 27 24.90 8.95 -8.87
C ALA A 27 25.95 9.82 -9.57
N GLU A 28 25.52 10.69 -10.47
CA GLU A 28 26.47 11.59 -11.14
C GLU A 28 27.19 12.47 -10.12
N ASN A 29 26.48 12.90 -9.09
CA ASN A 29 27.08 13.79 -8.09
C ASN A 29 27.76 13.01 -6.97
N GLU A 30 27.17 11.91 -6.54
CA GLU A 30 27.76 11.15 -5.44
C GLU A 30 29.13 10.58 -5.81
N PHE A 31 29.33 10.20 -7.07
CA PHE A 31 30.54 9.52 -7.48
C PHE A 31 31.35 10.29 -8.51
N SER A 32 30.99 11.54 -8.77
CA SER A 32 31.75 12.41 -9.67
C SER A 32 31.93 11.77 -11.04
N LEU A 33 30.82 11.26 -11.58
CA LEU A 33 30.82 10.63 -12.88
C LEU A 33 30.64 11.67 -13.99
N ARG A 34 31.05 11.31 -15.20
CA ARG A 34 30.87 12.19 -16.33
C ARG A 34 29.37 12.45 -16.52
N PRO A 35 28.97 13.70 -16.79
CA PRO A 35 27.55 14.00 -16.95
C PRO A 35 26.92 13.13 -18.02
N ILE A 36 25.71 12.65 -17.75
CA ILE A 36 25.02 11.70 -18.60
C ILE A 36 23.61 12.21 -18.85
N ASP A 37 23.16 12.13 -20.11
CA ASP A 37 21.81 12.55 -20.45
C ASP A 37 20.78 11.71 -19.70
N SER A 38 19.72 12.37 -19.24
CA SER A 38 18.72 11.69 -18.43
C SER A 38 18.00 10.59 -19.21
N ASN A 39 17.85 10.76 -20.53
CA ASN A 39 17.18 9.77 -21.36
C ASN A 39 18.09 8.61 -21.77
N THR A 40 19.24 8.45 -21.12
CA THR A 40 20.11 7.33 -21.44
C THR A 40 19.47 6.00 -21.03
N PHE A 41 18.64 6.02 -20.00
CA PHE A 41 17.98 4.85 -19.46
C PHE A 41 16.47 5.07 -19.42
N GLU A 42 15.91 5.48 -20.54
CA GLU A 42 14.50 5.85 -20.63
C GLU A 42 13.66 4.57 -20.48
N MET A 43 13.47 4.19 -19.22
CA MET A 43 12.69 3.02 -18.85
C MET A 43 12.40 3.13 -17.36
N ASN A 44 11.51 2.26 -16.88
CA ASN A 44 11.18 2.24 -15.46
C ASN A 44 12.07 1.22 -14.75
N GLY A 45 11.85 1.05 -13.45
CA GLY A 45 12.74 0.22 -12.66
C GLY A 45 12.68 -1.25 -13.04
N LYS A 46 11.47 -1.78 -13.26
CA LYS A 46 11.35 -3.20 -13.59
C LYS A 46 12.10 -3.51 -14.88
N ALA A 47 12.15 -2.57 -15.83
CA ALA A 47 12.93 -2.79 -17.05
C ALA A 47 14.42 -2.65 -16.80
N LEU A 48 14.82 -1.63 -16.03
CA LEU A 48 16.23 -1.41 -15.74
C LEU A 48 16.88 -2.64 -15.11
N LEU A 49 16.09 -3.42 -14.37
CA LEU A 49 16.59 -4.63 -13.73
C LEU A 49 16.78 -5.79 -14.70
N LEU A 50 16.31 -5.66 -15.94
CA LEU A 50 16.46 -6.72 -16.92
C LEU A 50 17.70 -6.53 -17.80
N LEU A 51 18.24 -5.33 -17.86
CA LEU A 51 19.45 -5.10 -18.65
C LEU A 51 20.63 -5.85 -18.05
N THR A 52 21.57 -6.21 -18.91
CA THR A 52 22.84 -6.80 -18.49
C THR A 52 23.86 -5.69 -18.25
N LYS A 53 24.92 -6.03 -17.50
CA LYS A 53 26.00 -5.07 -17.29
C LYS A 53 26.54 -4.54 -18.60
N GLU A 54 26.54 -5.40 -19.62
CA GLU A 54 26.96 -5.01 -20.96
C GLU A 54 26.04 -3.96 -21.55
N ASP A 55 24.73 -4.09 -21.35
CA ASP A 55 23.81 -3.06 -21.83
C ASP A 55 24.12 -1.72 -21.17
N PHE A 56 24.50 -1.74 -19.88
CA PHE A 56 24.94 -0.52 -19.21
C PHE A 56 26.16 0.07 -19.91
N ARG A 57 27.16 -0.76 -20.20
CA ARG A 57 28.37 -0.26 -20.83
C ARG A 57 28.07 0.38 -22.19
N TYR A 58 27.21 -0.25 -22.99
CA TYR A 58 26.87 0.32 -24.29
C TYR A 58 26.16 1.65 -24.15
N ARG A 59 25.21 1.74 -23.22
CA ARG A 59 24.41 2.96 -23.08
C ARG A 59 25.25 4.09 -22.50
N SER A 60 26.12 3.78 -21.53
CA SER A 60 27.01 4.76 -20.92
C SER A 60 28.43 4.20 -20.91
N PRO A 61 29.22 4.48 -21.96
CA PRO A 61 30.60 3.98 -21.97
C PRO A 61 31.42 4.44 -20.77
N HIS A 62 31.17 5.65 -20.26
CA HIS A 62 32.00 6.24 -19.23
C HIS A 62 31.62 5.83 -17.81
N SER A 63 30.38 5.41 -17.59
CA SER A 63 29.93 5.07 -16.24
C SER A 63 29.02 3.85 -16.21
N GLY A 64 28.81 3.18 -17.34
CA GLY A 64 27.86 2.08 -17.36
C GLY A 64 28.19 0.98 -16.37
N ASP A 65 29.47 0.57 -16.33
CA ASP A 65 29.85 -0.47 -15.38
C ASP A 65 29.65 0.00 -13.95
N GLU A 66 30.00 1.25 -13.66
CA GLU A 66 29.83 1.78 -12.31
C GLU A 66 28.37 1.80 -11.90
N LEU A 67 27.49 2.29 -12.79
CA LEU A 67 26.07 2.33 -12.47
C LEU A 67 25.52 0.95 -12.19
N TYR A 68 25.95 -0.05 -12.97
CA TYR A 68 25.46 -1.40 -12.78
C TYR A 68 25.81 -1.92 -11.38
N GLU A 69 27.06 -1.73 -10.97
CA GLU A 69 27.49 -2.24 -9.67
C GLU A 69 26.79 -1.50 -8.54
N LEU A 70 26.56 -0.19 -8.71
CA LEU A 70 25.80 0.56 -7.72
C LEU A 70 24.41 -0.02 -7.53
N LEU A 71 23.74 -0.38 -8.64
CA LEU A 71 22.41 -0.97 -8.54
C LEU A 71 22.44 -2.30 -7.82
N GLN A 72 23.50 -3.09 -8.05
CA GLN A 72 23.58 -4.40 -7.40
C GLN A 72 23.71 -4.29 -5.88
N HIS A 73 24.43 -3.26 -5.42
N HIS A 73 24.45 -3.26 -5.43
CA HIS A 73 24.52 -3.00 -3.99
CA HIS A 73 24.52 -3.01 -3.99
C HIS A 73 23.18 -2.52 -3.43
C HIS A 73 23.17 -2.56 -3.45
N ILE A 74 22.48 -1.68 -4.19
CA ILE A 74 21.15 -1.24 -3.76
C ILE A 74 20.22 -2.44 -3.65
N LEU A 75 20.36 -3.41 -4.56
CA LEU A 75 19.54 -4.62 -4.50
C LEU A 75 19.99 -5.51 -3.35
N LYS A 76 21.29 -5.59 -3.09
CA LYS A 76 21.78 -6.47 -2.04
C LYS A 76 21.49 -5.91 -0.64
N GLN A 77 21.50 -4.58 -0.49
CA GLN A 77 21.29 -3.92 0.80
C GLN A 77 20.24 -2.83 0.62
N PRO A 78 18.95 -3.21 0.62
CA PRO A 78 17.90 -2.20 0.39
C PRO A 78 17.88 -1.14 1.49
N ALA A 79 17.53 0.09 1.09
CA ALA A 79 17.44 1.18 2.04
C ALA A 79 16.21 1.02 2.93
N ALA A 80 16.32 1.51 4.16
CA ALA A 80 15.22 1.46 5.12
C ALA A 80 14.36 2.71 4.97
N GLY A 81 13.04 2.50 4.94
CA GLY A 81 12.13 3.62 4.82
C GLY A 81 11.96 4.39 6.11
N ASP A 82 11.55 5.65 5.96
CA ASP A 82 11.30 6.50 7.12
C ASP A 82 10.08 6.01 7.89
N GLU A 83 10.20 5.98 9.23
CA GLU A 83 9.12 5.46 10.06
C GLU A 83 7.87 6.31 9.96
N LEU A 84 8.01 7.64 10.00
CA LEU A 84 6.84 8.50 9.93
C LEU A 84 6.17 8.41 8.55
N LYS A 85 6.97 8.36 7.49
CA LYS A 85 6.41 8.17 6.16
C LYS A 85 5.67 6.84 6.06
N ILE A 86 6.24 5.78 6.65
CA ILE A 86 5.58 4.48 6.58
C ILE A 86 4.33 4.48 7.45
N ASN A 87 4.37 5.14 8.61
CA ASN A 87 3.16 5.26 9.41
C ASN A 87 2.05 5.95 8.62
N ALA A 88 2.37 7.06 7.97
CA ALA A 88 1.36 7.77 7.19
C ALA A 88 0.81 6.88 6.08
N ALA A 89 1.70 6.18 5.37
CA ALA A 89 1.25 5.29 4.30
C ALA A 89 0.30 4.24 4.86
N CYS A 90 0.67 3.61 5.98
N CYS A 90 0.68 3.62 5.98
CA CYS A 90 -0.16 2.54 6.53
CA CYS A 90 -0.12 2.55 6.56
C CYS A 90 -1.53 3.06 6.93
C CYS A 90 -1.52 3.05 6.95
N ARG A 91 -1.59 4.26 7.52
CA ARG A 91 -2.89 4.82 7.88
C ARG A 91 -3.74 5.07 6.65
N LYS A 92 -3.13 5.60 5.57
CA LYS A 92 -3.89 5.88 4.35
C LYS A 92 -4.47 4.60 3.78
N VAL A 93 -3.68 3.53 3.75
CA VAL A 93 -4.16 2.25 3.23
C VAL A 93 -5.25 1.68 4.14
N GLN A 94 -5.03 1.71 5.46
CA GLN A 94 -6.02 1.18 6.39
C GLN A 94 -7.36 1.88 6.22
N HIS A 95 -7.36 3.21 6.16
CA HIS A 95 -8.62 3.94 5.99
C HIS A 95 -9.28 3.58 4.67
N MET A 96 -8.49 3.53 3.58
CA MET A 96 -9.03 3.20 2.27
C MET A 96 -9.70 1.83 2.26
N VAL A 97 -8.98 0.81 2.75
CA VAL A 97 -9.46 -0.57 2.63
C VAL A 97 -10.69 -0.79 3.51
N VAL A 98 -10.62 -0.35 4.77
CA VAL A 98 -11.75 -0.61 5.67
C VAL A 98 -12.96 0.22 5.22
N LYS A 99 -12.75 1.46 4.77
CA LYS A 99 -13.88 2.25 4.28
C LYS A 99 -14.57 1.54 3.13
N ALA A 100 -13.79 1.02 2.18
CA ALA A 100 -14.34 0.35 1.01
C ALA A 100 -15.12 -0.90 1.41
N ALA A 101 -14.56 -1.72 2.31
CA ALA A 101 -15.23 -2.95 2.71
C ALA A 101 -16.56 -2.67 3.37
N LEU A 102 -16.62 -1.67 4.24
CA LEU A 102 -17.88 -1.31 4.89
C LEU A 102 -18.90 -0.81 3.86
N LEU A 103 -18.48 0.00 2.90
CA LEU A 103 -19.42 0.45 1.87
C LEU A 103 -19.90 -0.72 1.02
N ALA A 104 -18.96 -1.59 0.61
CA ALA A 104 -19.30 -2.66 -0.33
C ALA A 104 -20.28 -3.66 0.29
N ASP A 105 -20.10 -4.01 1.55
CA ASP A 105 -20.86 -5.09 2.17
C ASP A 105 -21.69 -4.67 3.36
N LYS A 106 -21.64 -3.40 3.76
CA LYS A 106 -22.55 -2.84 4.74
C LYS A 106 -22.62 -3.68 6.01
N PHE A 107 -21.46 -4.05 6.52
CA PHE A 107 -21.38 -4.78 7.78
C PHE A 107 -22.01 -3.95 8.89
N PRO A 108 -22.91 -4.54 9.70
CA PRO A 108 -23.50 -3.77 10.80
C PRO A 108 -22.57 -3.58 12.00
N VAL A 109 -21.51 -4.38 12.10
CA VAL A 109 -20.61 -4.33 13.24
C VAL A 109 -19.19 -4.56 12.74
N LEU A 110 -18.23 -3.84 13.32
CA LEU A 110 -16.82 -4.08 13.06
C LEU A 110 -16.12 -4.40 14.36
N HIS A 111 -15.43 -5.54 14.39
CA HIS A 111 -14.70 -6.02 15.56
C HIS A 111 -13.22 -5.71 15.35
N ASP A 112 -12.74 -4.64 15.97
CA ASP A 112 -11.39 -4.15 15.76
C ASP A 112 -10.48 -4.84 16.77
N ILE A 113 -9.74 -5.86 16.31
CA ILE A 113 -8.99 -6.74 17.19
C ILE A 113 -7.50 -6.41 17.07
N GLY A 114 -6.92 -5.93 18.15
CA GLY A 114 -5.57 -5.38 18.13
C GLY A 114 -5.50 -3.88 18.09
N ASN A 115 -6.55 -3.19 18.52
CA ASN A 115 -6.59 -1.73 18.56
C ASN A 115 -6.57 -1.28 20.01
N PRO A 116 -5.41 -0.88 20.54
CA PRO A 116 -5.32 -0.54 21.96
C PRO A 116 -5.64 0.90 22.31
N LYS A 117 -6.01 1.74 21.32
CA LYS A 117 -6.30 3.14 21.59
C LYS A 117 -7.75 3.53 21.32
N ALA A 118 -8.59 2.58 20.88
CA ALA A 118 -10.00 2.82 20.63
C ALA A 118 -10.21 3.97 19.64
N ILE A 119 -9.47 3.93 18.53
CA ILE A 119 -9.57 4.93 17.48
C ILE A 119 -10.09 4.27 16.22
N LYS A 120 -11.18 4.79 15.68
CA LYS A 120 -11.74 4.23 14.46
C LYS A 120 -10.98 4.77 13.25
N CYS A 121 -10.53 3.86 12.38
CA CYS A 121 -9.87 4.27 11.16
C CYS A 121 -10.84 4.80 10.10
N VAL A 122 -12.13 4.58 10.28
CA VAL A 122 -13.17 5.16 9.41
C VAL A 122 -14.25 5.74 10.32
N PRO A 123 -13.97 6.84 11.01
CA PRO A 123 -14.94 7.34 12.02
C PRO A 123 -16.29 7.74 11.47
N GLN A 124 -16.37 8.03 10.18
CA GLN A 124 -17.63 8.53 9.58
C GLN A 124 -18.54 7.39 9.13
N ALA A 125 -18.05 6.16 9.21
CA ALA A 125 -18.84 5.03 8.74
C ALA A 125 -20.04 4.77 9.65
N ASP A 126 -21.13 4.31 9.04
CA ASP A 126 -22.34 3.93 9.78
C ASP A 126 -22.20 2.46 10.19
N VAL A 127 -21.54 2.24 11.32
CA VAL A 127 -21.29 0.90 11.82
C VAL A 127 -21.10 0.97 13.32
N GLU A 128 -21.43 -0.12 14.00
CA GLU A 128 -21.11 -0.28 15.41
C GLU A 128 -19.67 -0.76 15.52
N TRP A 129 -18.81 0.07 16.09
CA TRP A 129 -17.38 -0.18 16.17
C TRP A 129 -17.05 -0.70 17.56
N LYS A 130 -16.44 -1.87 17.64
CA LYS A 130 -16.08 -2.50 18.91
C LYS A 130 -14.58 -2.79 18.91
N PHE A 131 -13.95 -2.57 20.07
CA PHE A 131 -12.50 -2.65 20.21
C PHE A 131 -12.12 -3.78 21.16
N TYR A 132 -11.05 -4.49 20.81
CA TYR A 132 -10.47 -5.55 21.62
C TYR A 132 -8.96 -5.46 21.53
N ASP A 133 -8.27 -5.74 22.64
CA ASP A 133 -6.81 -5.81 22.62
C ASP A 133 -6.31 -6.58 23.84
N ALA A 134 -5.23 -7.34 23.64
CA ALA A 134 -4.66 -8.13 24.72
C ALA A 134 -4.03 -7.25 25.79
N GLN A 135 -3.56 -6.07 25.41
CA GLN A 135 -2.96 -5.12 26.36
C GLN A 135 -3.43 -3.70 26.01
N PRO A 136 -4.65 -3.35 26.42
CA PRO A 136 -5.16 -2.01 26.09
C PRO A 136 -4.35 -0.91 26.76
N CYS A 137 -4.27 0.24 26.10
CA CYS A 137 -3.70 1.42 26.71
C CYS A 137 -4.52 1.82 27.94
N SER A 138 -3.81 2.14 29.03
CA SER A 138 -4.47 2.41 30.30
C SER A 138 -5.53 3.51 30.17
N ASP A 139 -5.30 4.50 29.33
CA ASP A 139 -6.21 5.62 29.21
C ASP A 139 -7.31 5.37 28.19
N LYS A 140 -7.33 4.21 27.55
CA LYS A 140 -8.41 3.82 26.66
C LYS A 140 -9.04 2.49 27.01
N ALA A 141 -8.58 1.82 28.07
CA ALA A 141 -9.08 0.49 28.40
C ALA A 141 -10.56 0.50 28.77
N TYR A 142 -11.09 1.63 29.23
CA TYR A 142 -12.49 1.70 29.64
C TYR A 142 -13.45 1.47 28.48
N LYS A 143 -12.99 1.53 27.24
CA LYS A 143 -13.83 1.15 26.10
C LYS A 143 -13.14 0.14 25.21
N ILE A 144 -12.29 -0.69 25.79
CA ILE A 144 -11.63 -1.76 25.05
C ILE A 144 -11.79 -3.05 25.84
N GLU A 145 -12.27 -4.10 25.19
CA GLU A 145 -12.34 -5.42 25.80
C GLU A 145 -10.94 -6.01 25.84
N GLU A 146 -10.48 -6.38 27.04
CA GLU A 146 -9.17 -6.99 27.20
C GLU A 146 -9.27 -8.46 26.81
N LEU A 147 -8.59 -8.84 25.74
CA LEU A 147 -8.83 -10.14 25.14
C LEU A 147 -7.63 -10.51 24.27
N PHE A 148 -7.14 -11.73 24.43
CA PHE A 148 -6.10 -12.27 23.57
C PHE A 148 -6.78 -13.22 22.59
N TYR A 149 -6.82 -12.83 21.32
CA TYR A 149 -7.54 -13.61 20.33
C TYR A 149 -6.74 -14.84 19.94
N SER A 150 -7.40 -16.00 19.98
CA SER A 150 -6.85 -17.24 19.44
C SER A 150 -7.97 -17.94 18.70
N TYR A 151 -7.68 -18.38 17.48
CA TYR A 151 -8.70 -19.04 16.66
C TYR A 151 -9.30 -20.24 17.40
N ALA A 152 -8.46 -21.08 18.00
CA ALA A 152 -8.96 -22.26 18.67
C ALA A 152 -9.95 -21.89 19.77
N THR A 153 -9.84 -20.68 20.33
CA THR A 153 -10.71 -20.25 21.41
C THR A 153 -11.89 -19.41 20.95
N HIS A 154 -11.75 -18.65 19.86
CA HIS A 154 -12.72 -17.62 19.51
C HIS A 154 -13.35 -17.81 18.14
N SER A 155 -13.07 -18.92 17.45
CA SER A 155 -13.55 -19.07 16.08
C SER A 155 -15.07 -19.02 15.98
N ASP A 156 -15.78 -19.29 17.07
CA ASP A 156 -17.23 -19.24 17.08
C ASP A 156 -17.77 -17.90 17.56
N LYS A 157 -16.89 -16.96 17.83
CA LYS A 157 -17.26 -15.62 18.27
C LYS A 157 -17.00 -14.63 17.14
N PHE A 158 -17.50 -13.41 17.32
CA PHE A 158 -17.32 -12.34 16.34
C PHE A 158 -17.77 -12.79 14.95
N THR A 159 -18.89 -13.51 14.88
CA THR A 159 -19.37 -14.00 13.60
C THR A 159 -20.25 -12.98 12.88
N ASP A 160 -20.83 -12.03 13.62
CA ASP A 160 -21.57 -10.94 13.01
C ASP A 160 -20.62 -9.83 12.56
N GLY A 161 -21.00 -9.15 11.48
CA GLY A 161 -20.17 -8.08 10.97
C GLY A 161 -18.85 -8.57 10.42
N VAL A 162 -17.82 -7.73 10.56
CA VAL A 162 -16.50 -8.03 10.05
C VAL A 162 -15.48 -7.80 11.14
N CYS A 163 -14.36 -8.50 11.06
CA CYS A 163 -13.25 -8.35 11.99
C CYS A 163 -12.08 -7.66 11.29
N LEU A 164 -11.43 -6.75 12.02
CA LEU A 164 -10.26 -6.06 11.51
C LEU A 164 -9.06 -6.45 12.38
N PHE A 165 -8.03 -7.01 11.74
CA PHE A 165 -6.76 -7.34 12.38
C PHE A 165 -5.68 -6.52 11.69
N TRP A 166 -5.45 -5.30 12.15
CA TRP A 166 -4.41 -4.46 11.53
C TRP A 166 -3.11 -4.65 12.28
N ASN A 167 -2.23 -5.48 11.74
CA ASN A 167 -0.97 -5.81 12.39
C ASN A 167 -1.21 -6.45 13.76
N CYS A 168 -2.23 -7.30 13.84
CA CYS A 168 -2.54 -8.11 15.02
C CYS A 168 -2.31 -9.57 14.60
N ASN A 169 -1.10 -10.07 14.84
CA ASN A 169 -0.64 -11.30 14.21
C ASN A 169 -1.07 -12.52 15.04
N VAL A 170 -2.36 -12.82 14.94
CA VAL A 170 -2.97 -13.94 15.65
C VAL A 170 -2.58 -15.24 14.97
N ASP A 171 -2.90 -16.37 15.63
CA ASP A 171 -2.49 -17.66 15.09
C ASP A 171 -3.19 -17.94 13.76
N ARG A 172 -4.48 -17.63 13.67
CA ARG A 172 -5.24 -17.89 12.45
C ARG A 172 -6.44 -16.96 12.41
N TYR A 173 -6.67 -16.31 11.22
CA TYR A 173 -7.74 -15.32 11.14
C TYR A 173 -9.08 -15.98 10.83
N PRO A 174 -10.17 -15.44 11.39
CA PRO A 174 -11.51 -15.91 11.03
C PRO A 174 -11.82 -15.53 9.57
N ALA A 175 -12.89 -16.14 9.04
CA ALA A 175 -13.19 -15.90 7.62
C ALA A 175 -13.66 -14.47 7.35
N ASN A 176 -14.36 -13.86 8.30
CA ASN A 176 -14.90 -12.52 8.11
C ASN A 176 -13.91 -11.45 8.62
N SER A 177 -12.73 -11.38 7.99
CA SER A 177 -11.68 -10.53 8.49
C SER A 177 -11.03 -9.67 7.40
N ILE A 178 -10.56 -8.52 7.85
CA ILE A 178 -9.68 -7.62 7.09
C ILE A 178 -8.33 -7.59 7.81
N VAL A 179 -7.24 -7.86 7.08
CA VAL A 179 -5.95 -8.10 7.72
C VAL A 179 -4.82 -7.35 7.02
N CYS A 180 -3.95 -6.74 7.83
CA CYS A 180 -2.61 -6.34 7.43
C CYS A 180 -1.61 -7.08 8.32
N ARG A 181 -0.61 -7.74 7.69
CA ARG A 181 0.43 -8.45 8.43
C ARG A 181 1.79 -8.23 7.79
N PHE A 182 2.81 -8.07 8.64
CA PHE A 182 4.16 -7.79 8.16
C PHE A 182 4.87 -9.04 7.66
N LYS A 214 2.32 -19.25 5.87
CA LYS A 214 1.15 -18.78 5.14
C LYS A 214 -0.12 -19.48 5.61
N SER A 215 -0.01 -20.31 6.65
CA SER A 215 -1.16 -21.04 7.15
C SER A 215 -2.13 -20.16 7.92
N ALA A 216 -1.69 -18.99 8.39
CA ALA A 216 -2.58 -18.12 9.14
C ALA A 216 -3.72 -17.58 8.28
N PHE A 217 -3.55 -17.53 6.96
CA PHE A 217 -4.49 -16.84 6.07
C PHE A 217 -5.46 -17.77 5.37
N VAL A 218 -5.53 -19.04 5.77
CA VAL A 218 -6.23 -20.04 4.96
C VAL A 218 -7.69 -19.67 4.72
N ASN A 219 -8.33 -18.98 5.67
CA ASN A 219 -9.74 -18.63 5.49
C ASN A 219 -9.93 -17.41 4.61
N LEU A 220 -8.86 -16.77 4.13
CA LEU A 220 -8.95 -15.50 3.45
C LEU A 220 -8.32 -15.61 2.06
N LYS A 221 -8.37 -14.48 1.33
CA LYS A 221 -7.68 -14.32 0.06
C LYS A 221 -6.84 -13.05 0.11
N GLN A 222 -5.80 -13.01 -0.72
CA GLN A 222 -5.02 -11.80 -0.86
C GLN A 222 -5.90 -10.65 -1.35
N LEU A 223 -5.62 -9.44 -0.86
CA LEU A 223 -6.38 -8.26 -1.27
C LEU A 223 -5.64 -7.60 -2.43
N PRO A 224 -6.20 -7.61 -3.65
CA PRO A 224 -5.54 -6.90 -4.76
C PRO A 224 -5.65 -5.40 -4.59
N PHE A 225 -4.69 -4.69 -5.18
CA PHE A 225 -4.69 -3.25 -5.11
C PHE A 225 -5.94 -2.68 -5.76
N PHE A 226 -6.48 -1.65 -5.14
CA PHE A 226 -7.54 -0.84 -5.73
C PHE A 226 -7.53 0.51 -5.05
N TYR A 227 -8.07 1.51 -5.74
CA TYR A 227 -8.30 2.85 -5.19
C TYR A 227 -9.78 3.17 -5.34
N TYR A 228 -10.43 3.58 -4.25
CA TYR A 228 -11.82 3.99 -4.28
C TYR A 228 -11.96 5.40 -3.72
N SER A 229 -12.77 6.21 -4.40
CA SER A 229 -13.11 7.53 -3.86
C SER A 229 -14.56 7.88 -4.22
N ASP A 230 -15.26 8.45 -3.25
CA ASP A 230 -16.60 8.99 -3.44
C ASP A 230 -16.62 10.51 -3.31
N SER A 231 -15.47 11.14 -3.15
CA SER A 231 -15.41 12.59 -3.15
C SER A 231 -15.73 13.14 -4.55
N PRO A 232 -16.23 14.36 -4.64
CA PRO A 232 -16.62 14.89 -5.94
C PRO A 232 -15.41 15.11 -6.84
N CYS A 233 -15.65 14.96 -8.15
CA CYS A 233 -14.61 15.20 -9.14
C CYS A 233 -14.37 16.71 -9.31
N GLU A 234 -13.18 17.03 -9.80
CA GLU A 234 -12.74 18.39 -10.07
C GLU A 234 -11.86 18.36 -11.31
N SER A 235 -11.99 19.38 -12.17
CA SER A 235 -11.28 19.38 -13.44
C SER A 235 -9.98 20.16 -13.41
N HIS A 236 -9.84 21.16 -12.55
CA HIS A 236 -8.60 21.92 -12.46
C HIS A 236 -8.32 22.33 -11.02
N ASP A 245 -6.65 13.95 -15.40
CA ASP A 245 -5.89 14.68 -16.40
C ASP A 245 -4.39 14.62 -16.07
N TYR A 246 -3.66 15.69 -16.36
CA TYR A 246 -2.20 15.69 -16.33
C TYR A 246 -1.75 14.69 -17.37
N VAL A 247 -0.96 13.67 -17.03
CA VAL A 247 -0.80 12.51 -17.90
C VAL A 247 -2.05 11.66 -17.71
N PRO A 248 -2.84 11.39 -18.75
CA PRO A 248 -4.10 10.67 -18.54
C PRO A 248 -3.88 9.34 -17.84
N LEU A 249 -4.77 9.01 -16.92
CA LEU A 249 -4.68 7.79 -16.12
C LEU A 249 -5.63 6.74 -16.69
N LYS A 250 -5.07 5.67 -17.22
CA LYS A 250 -5.83 4.51 -17.68
C LYS A 250 -5.56 3.37 -16.71
N SER A 251 -6.57 3.00 -15.93
CA SER A 251 -6.40 1.94 -14.95
C SER A 251 -7.78 1.46 -14.52
N ALA A 252 -7.99 0.14 -14.61
CA ALA A 252 -9.25 -0.44 -14.16
C ALA A 252 -9.36 -0.42 -12.63
N THR A 253 -8.27 -0.22 -11.91
CA THR A 253 -8.30 -0.25 -10.45
C THR A 253 -8.55 1.12 -9.83
N CYS A 254 -8.75 2.17 -10.64
CA CYS A 254 -9.13 3.48 -10.14
C CYS A 254 -10.66 3.51 -10.08
N ILE A 255 -11.21 3.20 -8.92
CA ILE A 255 -12.66 3.05 -8.78
C ILE A 255 -13.23 4.40 -8.36
N THR A 256 -13.57 5.21 -9.36
CA THR A 256 -14.12 6.55 -9.15
C THR A 256 -15.22 6.77 -10.18
N ARG A 257 -16.13 7.68 -9.84
CA ARG A 257 -17.26 7.96 -10.74
C ARG A 257 -16.76 8.41 -12.11
N CYS A 258 -15.77 9.31 -12.12
CA CYS A 258 -15.23 9.80 -13.38
C CYS A 258 -14.60 8.70 -14.23
N ASN A 259 -14.26 7.56 -13.62
CA ASN A 259 -13.69 6.46 -14.38
C ASN A 259 -14.73 5.53 -14.98
N LEU A 260 -16.00 5.70 -14.64
CA LEU A 260 -17.04 4.92 -15.31
C LEU A 260 -16.94 5.09 -16.82
N GLY A 261 -16.68 6.31 -17.28
CA GLY A 261 -16.45 6.60 -18.68
C GLY A 261 -15.01 6.51 -19.12
N GLY A 262 -14.11 6.12 -18.24
CA GLY A 262 -12.71 5.95 -18.58
C GLY A 262 -11.87 7.21 -18.55
N ALA A 263 -12.48 8.37 -18.29
CA ALA A 263 -11.76 9.65 -18.31
C ALA A 263 -11.64 10.16 -16.87
N VAL A 264 -10.57 9.76 -16.19
CA VAL A 264 -10.40 10.12 -14.80
C VAL A 264 -10.08 11.61 -14.68
N CYS A 265 -10.78 12.29 -13.79
CA CYS A 265 -10.56 13.71 -13.57
C CYS A 265 -9.20 13.93 -12.92
N ARG A 266 -8.71 15.17 -13.04
CA ARG A 266 -7.36 15.48 -12.58
C ARG A 266 -7.21 15.27 -11.08
N HIS A 267 -8.26 15.60 -10.31
CA HIS A 267 -8.20 15.46 -8.87
C HIS A 267 -8.04 14.00 -8.46
N HIS A 268 -8.89 13.12 -9.01
CA HIS A 268 -8.80 11.71 -8.65
C HIS A 268 -7.54 11.06 -9.22
N ALA A 269 -7.07 11.52 -10.38
CA ALA A 269 -5.79 11.04 -10.88
C ALA A 269 -4.66 11.37 -9.90
N ASN A 270 -4.66 12.58 -9.35
CA ASN A 270 -3.65 12.94 -8.36
C ASN A 270 -3.80 12.11 -7.08
N GLU A 271 -5.04 11.93 -6.61
CA GLU A 271 -5.26 11.12 -5.42
C GLU A 271 -4.85 9.68 -5.66
N TYR A 272 -5.20 9.12 -6.81
CA TYR A 272 -4.83 7.74 -7.13
C TYR A 272 -3.33 7.55 -7.06
N ARG A 273 -2.56 8.49 -7.62
CA ARG A 273 -1.10 8.33 -7.68
C ARG A 273 -0.47 8.48 -6.30
N LEU A 274 -0.98 9.40 -5.48
CA LEU A 274 -0.51 9.49 -4.11
C LEU A 274 -0.83 8.22 -3.34
N TYR A 275 -2.03 7.68 -3.54
CA TYR A 275 -2.38 6.47 -2.82
C TYR A 275 -1.52 5.29 -3.25
N LEU A 276 -1.25 5.18 -4.56
CA LEU A 276 -0.42 4.09 -5.04
C LEU A 276 0.99 4.18 -4.47
N ASP A 277 1.51 5.40 -4.34
CA ASP A 277 2.81 5.56 -3.70
C ASP A 277 2.79 5.06 -2.26
N ALA A 278 1.72 5.37 -1.52
CA ALA A 278 1.60 4.87 -0.16
C ALA A 278 1.49 3.36 -0.13
N TYR A 279 0.65 2.81 -1.02
CA TYR A 279 0.50 1.36 -1.13
C TYR A 279 1.85 0.71 -1.40
N ASN A 280 2.60 1.24 -2.37
CA ASN A 280 3.89 0.64 -2.71
C ASN A 280 4.88 0.74 -1.56
N MET A 281 4.92 1.89 -0.87
CA MET A 281 5.81 2.04 0.27
C MET A 281 5.53 0.98 1.32
N MET A 282 4.25 0.70 1.57
CA MET A 282 3.87 -0.31 2.55
C MET A 282 4.20 -1.72 2.06
N ILE A 283 3.92 -2.01 0.79
CA ILE A 283 4.25 -3.32 0.25
C ILE A 283 5.76 -3.52 0.24
N SER A 284 6.52 -2.49 -0.14
CA SER A 284 7.97 -2.60 -0.16
C SER A 284 8.52 -2.86 1.23
N ALA A 285 7.87 -2.35 2.27
CA ALA A 285 8.33 -2.55 3.63
C ALA A 285 7.95 -3.92 4.19
N GLY A 286 7.28 -4.75 3.41
CA GLY A 286 7.00 -6.11 3.81
C GLY A 286 5.63 -6.39 4.37
N PHE A 287 4.67 -5.49 4.23
CA PHE A 287 3.31 -5.77 4.64
C PHE A 287 2.52 -6.40 3.51
N SER A 288 1.55 -7.23 3.88
CA SER A 288 0.63 -7.86 2.93
C SER A 288 -0.79 -7.72 3.44
N LEU A 289 -1.74 -7.60 2.51
CA LEU A 289 -3.13 -7.37 2.85
C LEU A 289 -3.99 -8.57 2.44
N TRP A 290 -4.91 -8.97 3.32
CA TRP A 290 -5.77 -10.13 3.13
C TRP A 290 -7.19 -9.75 3.49
N VAL A 291 -8.17 -10.45 2.91
CA VAL A 291 -9.57 -10.05 3.04
C VAL A 291 -10.48 -11.27 2.92
N TYR A 292 -11.70 -11.11 3.45
CA TYR A 292 -12.72 -12.15 3.33
C TYR A 292 -12.98 -12.43 1.86
N LYS A 293 -13.23 -13.71 1.56
CA LYS A 293 -13.17 -14.18 0.17
C LYS A 293 -14.26 -13.57 -0.72
N GLN A 294 -15.36 -13.08 -0.14
CA GLN A 294 -16.44 -12.54 -0.94
C GLN A 294 -16.27 -11.05 -1.24
N PHE A 295 -15.17 -10.45 -0.82
CA PHE A 295 -14.90 -9.06 -1.18
C PHE A 295 -14.86 -8.91 -2.70
N ASP A 296 -15.61 -7.93 -3.21
CA ASP A 296 -15.83 -7.78 -4.65
C ASP A 296 -15.86 -6.30 -4.99
N THR A 297 -14.91 -5.87 -5.81
CA THR A 297 -14.83 -4.45 -6.18
C THR A 297 -16.04 -4.00 -6.98
N TYR A 298 -16.75 -4.90 -7.67
CA TYR A 298 -17.96 -4.47 -8.37
C TYR A 298 -18.96 -3.87 -7.39
N ASN A 299 -18.96 -4.32 -6.14
CA ASN A 299 -19.80 -3.67 -5.14
C ASN A 299 -19.43 -2.21 -4.99
N LEU A 300 -18.15 -1.88 -5.16
CA LEU A 300 -17.72 -0.48 -5.07
C LEU A 300 -18.17 0.30 -6.29
N TRP A 301 -18.09 -0.30 -7.47
CA TRP A 301 -18.60 0.38 -8.66
C TRP A 301 -20.08 0.68 -8.51
N ASN A 302 -20.85 -0.24 -7.93
CA ASN A 302 -22.29 -0.06 -7.79
C ASN A 302 -22.66 1.09 -6.87
N THR A 303 -21.73 1.61 -6.07
CA THR A 303 -22.06 2.75 -5.23
C THR A 303 -22.24 4.04 -6.02
N PHE A 304 -21.84 4.07 -7.29
CA PHE A 304 -21.96 5.27 -8.11
C PHE A 304 -23.28 5.34 -8.86
N THR A 305 -24.20 4.41 -8.63
CA THR A 305 -25.50 4.43 -9.29
C THR A 305 -26.61 4.65 -8.27
#